data_3E8U
#
_entry.id   3E8U
#
_cell.length_a   77.900
_cell.length_b   88.878
_cell.length_c   138.509
_cell.angle_alpha   90.000
_cell.angle_beta   90.000
_cell.angle_gamma   90.000
#
_symmetry.space_group_name_H-M   'C 2 2 21'
#
loop_
_entity.id
_entity.type
_entity.pdbx_description
1 polymer 'Fab 106.3 heavy chain'
2 polymer 'Fab 106.3 light chain'
3 polymer 'BNP peptide epitope'
4 water water
#
loop_
_entity_poly.entity_id
_entity_poly.type
_entity_poly.pdbx_seq_one_letter_code
_entity_poly.pdbx_strand_id
1 'polypeptide(L)'
;QIQLVQSGPELRKPGETVKISCKGSGYTFTHYGINWVKQTPSKDLKWMGWINTHTGEPIYADDFKGRFAFSLETSANTAY
LQINNLNNGDMGTYFCTRSHRFGLDYWGQGTSVTVSSAKTTPPSVYPLAPGSAAAAAASMVTLGCLVKGYFPEPVTVTWN
SGSLSSGVHTFPAVLQSDLYTLSSSVTVPSSTWPSETVTCNVAHPASSTKVDKKILD
;
H
2 'polypeptide(L)'
;DNVLTQSPPSLAVSLGQRATISCKASQSVDYNGDSYLNWYQQKPGQPPKFLIYAASNLESGIPARFSGSGSGTDFNLNIH
PVEEEDAATYYCQQSNEDPFTFGSGTKLEIKRADAAPTVSIFPPSSEQLTSGGASVVCFLNNFYPKDINVKWKIDGSERQ
NGVLNSWTDQDSKDSTYSMSSTLTLTKDEYERHNSYTCEATHKTSTSPIVKSFNRN
;
L
3 'polypeptide(L)' GVQGSGAFGRG P
#
# COMPACT_ATOMS: atom_id res chain seq x y z
N GLN A 1 -22.31 -3.57 0.81
CA GLN A 1 -22.57 -3.94 -0.61
C GLN A 1 -22.67 -2.73 -1.52
N ILE A 2 -22.58 -1.54 -0.93
CA ILE A 2 -22.29 -0.34 -1.69
C ILE A 2 -20.80 -0.31 -1.96
N GLN A 3 -20.41 -0.05 -3.21
CA GLN A 3 -19.01 0.16 -3.51
C GLN A 3 -18.78 1.13 -4.65
N LEU A 4 -17.58 1.70 -4.68
CA LEU A 4 -17.11 2.48 -5.82
C LEU A 4 -15.90 1.72 -6.36
N VAL A 5 -15.95 1.35 -7.63
CA VAL A 5 -14.88 0.59 -8.25
C VAL A 5 -14.29 1.41 -9.39
N GLN A 6 -12.98 1.64 -9.32
CA GLN A 6 -12.28 2.44 -10.31
C GLN A 6 -11.58 1.57 -11.35
N SER A 7 -11.17 2.19 -12.45
CA SER A 7 -10.41 1.52 -13.50
C SER A 7 -8.97 1.26 -13.01
N GLY A 8 -8.20 0.50 -13.78
CA GLY A 8 -6.91 -0.03 -13.33
C GLY A 8 -5.76 0.95 -13.45
N PRO A 9 -4.55 0.54 -13.00
CA PRO A 9 -3.36 1.40 -13.07
C PRO A 9 -3.09 1.88 -14.49
N GLU A 10 -2.63 3.12 -14.62
CA GLU A 10 -2.37 3.69 -15.94
C GLU A 10 -0.94 4.21 -16.06
N LEU A 11 -0.36 3.94 -17.23
CA LEU A 11 0.95 4.46 -17.63
C LEU A 11 0.76 5.35 -18.86
N ARG A 12 1.31 6.56 -18.81
CA ARG A 12 1.29 7.48 -19.95
C ARG A 12 2.64 8.16 -20.12
N LYS A 13 2.94 8.57 -21.35
CA LYS A 13 4.09 9.45 -21.62
C LYS A 13 3.69 10.90 -21.31
N PRO A 14 4.69 11.76 -21.02
CA PRO A 14 4.39 13.20 -20.80
C PRO A 14 3.59 13.81 -21.95
N GLY A 15 2.61 14.66 -21.61
CA GLY A 15 1.82 15.34 -22.63
C GLY A 15 0.57 14.61 -23.06
N GLU A 16 0.49 13.33 -22.73
CA GLU A 16 -0.68 12.53 -23.09
C GLU A 16 -1.84 12.76 -22.10
N THR A 17 -2.95 12.07 -22.36
CA THR A 17 -4.17 12.19 -21.59
C THR A 17 -4.50 10.86 -20.90
N VAL A 18 -5.04 10.94 -19.70
CA VAL A 18 -5.60 9.78 -19.00
C VAL A 18 -7.06 10.05 -18.60
N LYS A 19 -7.92 9.05 -18.80
CA LYS A 19 -9.29 9.09 -18.33
C LYS A 19 -9.54 7.90 -17.39
N ILE A 20 -10.05 8.22 -16.21
CA ILE A 20 -10.22 7.26 -15.10
C ILE A 20 -11.70 7.18 -14.74
N SER A 21 -12.22 5.96 -14.60
CA SER A 21 -13.62 5.77 -14.24
C SER A 21 -13.82 5.35 -12.79
N CYS A 22 -15.01 5.67 -12.28
CA CYS A 22 -15.45 5.33 -10.93
C CYS A 22 -16.91 4.89 -11.00
N LYS A 23 -17.16 3.60 -10.79
CA LYS A 23 -18.50 3.06 -10.93
C LYS A 23 -19.12 2.80 -9.56
N GLY A 24 -20.27 3.41 -9.27
CA GLY A 24 -20.95 3.19 -8.00
C GLY A 24 -22.04 2.15 -8.12
N SER A 25 -22.16 1.30 -7.11
CA SER A 25 -23.23 0.30 -7.06
C SER A 25 -23.83 0.13 -5.66
N GLY A 26 -25.05 -0.35 -5.59
CA GLY A 26 -25.71 -0.67 -4.32
C GLY A 26 -26.51 0.51 -3.76
N TYR A 27 -26.57 1.58 -4.52
CA TYR A 27 -27.31 2.79 -4.17
C TYR A 27 -27.59 3.54 -5.47
N THR A 28 -28.50 4.52 -5.40
CA THR A 28 -28.87 5.33 -6.54
C THR A 28 -27.75 6.31 -6.81
N PHE A 29 -27.05 6.08 -7.92
CA PHE A 29 -25.85 6.82 -8.29
C PHE A 29 -26.06 8.33 -8.43
N THR A 30 -27.19 8.72 -9.04
CA THR A 30 -27.48 10.15 -9.26
C THR A 30 -27.98 10.92 -8.03
N HIS A 31 -27.92 10.29 -6.85
CA HIS A 31 -28.42 10.90 -5.61
C HIS A 31 -27.28 11.37 -4.71
N TYR A 32 -26.06 11.00 -5.05
CA TYR A 32 -24.88 11.34 -4.26
C TYR A 32 -23.77 11.95 -5.10
N GLY A 33 -23.14 13.01 -4.60
CA GLY A 33 -22.02 13.63 -5.30
C GLY A 33 -20.78 12.73 -5.28
N ILE A 34 -19.91 12.92 -6.26
CA ILE A 34 -18.61 12.24 -6.32
C ILE A 34 -17.52 13.30 -6.16
N ASN A 35 -16.64 13.10 -5.19
CA ASN A 35 -15.47 13.96 -4.99
C ASN A 35 -14.25 13.27 -5.56
N TRP A 36 -13.25 14.05 -5.98
CA TRP A 36 -11.99 13.47 -6.46
C TRP A 36 -10.85 13.92 -5.55
N VAL A 37 -10.02 12.96 -5.17
CA VAL A 37 -8.93 13.19 -4.25
C VAL A 37 -7.64 12.64 -4.86
N LYS A 38 -6.61 13.48 -4.90
CA LYS A 38 -5.26 13.03 -5.28
C LYS A 38 -4.41 12.68 -4.06
N GLN A 39 -3.77 11.52 -4.08
CA GLN A 39 -2.69 11.26 -3.14
C GLN A 39 -1.34 11.32 -3.87
N THR A 40 -0.48 12.23 -3.42
CA THR A 40 0.84 12.43 -4.03
C THR A 40 1.75 11.26 -3.68
N PRO A 41 2.87 11.07 -4.43
CA PRO A 41 3.88 10.07 -4.04
C PRO A 41 4.35 10.17 -2.59
N SER A 42 4.53 11.39 -2.07
CA SER A 42 4.86 11.62 -0.66
C SER A 42 3.69 11.39 0.30
N LYS A 43 2.56 10.97 -0.26
CA LYS A 43 1.37 10.54 0.52
C LYS A 43 0.44 11.66 1.02
N ASP A 44 0.68 12.90 0.56
CA ASP A 44 -0.24 14.00 0.87
C ASP A 44 -1.59 13.80 0.18
N LEU A 45 -2.69 14.16 0.86
CA LEU A 45 -4.03 14.07 0.27
C LEU A 45 -4.54 15.44 -0.15
N LYS A 46 -4.91 15.56 -1.43
CA LYS A 46 -5.39 16.81 -2.00
C LYS A 46 -6.78 16.64 -2.62
N TRP A 47 -7.74 17.42 -2.14
CA TRP A 47 -9.09 17.42 -2.69
C TRP A 47 -9.11 18.19 -4.04
N MET A 48 -9.56 17.53 -5.09
CA MET A 48 -9.54 18.12 -6.45
C MET A 48 -10.84 18.82 -6.86
N GLY A 49 -11.92 18.56 -6.13
CA GLY A 49 -13.24 19.07 -6.51
C GLY A 49 -14.28 17.96 -6.50
N TRP A 50 -15.47 18.28 -7.01
CA TRP A 50 -16.58 17.34 -6.99
C TRP A 50 -17.55 17.56 -8.15
N ILE A 51 -18.34 16.55 -8.46
CA ILE A 51 -19.36 16.66 -9.49
C ILE A 51 -20.73 16.30 -8.91
N ASN A 52 -21.72 17.16 -9.17
CA ASN A 52 -23.09 16.89 -8.83
C ASN A 52 -23.59 15.85 -9.83
N THR A 53 -24.02 14.70 -9.33
CA THR A 53 -24.40 13.61 -10.22
C THR A 53 -25.82 13.73 -10.79
N HIS A 54 -26.58 14.67 -10.25
CA HIS A 54 -27.94 14.94 -10.72
C HIS A 54 -27.93 16.03 -11.80
N THR A 55 -27.16 17.09 -11.58
CA THR A 55 -27.07 18.19 -12.55
C THR A 55 -25.90 18.03 -13.53
N GLY A 56 -24.89 17.25 -13.14
CA GLY A 56 -23.69 17.09 -13.96
C GLY A 56 -22.67 18.22 -13.83
N GLU A 57 -22.97 19.19 -12.96
CA GLU A 57 -22.09 20.35 -12.77
C GLU A 57 -20.87 20.02 -11.92
N PRO A 58 -19.64 20.27 -12.46
CA PRO A 58 -18.40 20.11 -11.71
C PRO A 58 -17.93 21.40 -11.02
N ILE A 59 -17.29 21.25 -9.87
CA ILE A 59 -16.60 22.34 -9.20
C ILE A 59 -15.15 21.86 -9.01
N TYR A 60 -14.19 22.65 -9.47
CA TYR A 60 -12.77 22.34 -9.34
C TYR A 60 -12.10 23.15 -8.26
N ALA A 61 -11.27 22.48 -7.46
CA ALA A 61 -10.36 23.15 -6.55
C ALA A 61 -9.39 23.98 -7.39
N ASP A 62 -8.98 25.13 -6.84
CA ASP A 62 -8.06 26.06 -7.48
C ASP A 62 -6.78 25.38 -7.94
N ASP A 63 -6.36 24.35 -7.21
CA ASP A 63 -5.15 23.58 -7.58
C ASP A 63 -5.34 22.66 -8.76
N PHE A 64 -6.59 22.45 -9.17
CA PHE A 64 -6.93 21.52 -10.25
C PHE A 64 -7.77 22.17 -11.34
N LYS A 65 -7.50 23.45 -11.59
CA LYS A 65 -8.21 24.25 -12.58
C LYS A 65 -7.36 24.40 -13.82
N GLY A 66 -7.82 23.79 -14.91
CA GLY A 66 -7.10 23.84 -16.19
C GLY A 66 -7.13 22.53 -16.95
N ARG A 67 -6.38 21.54 -16.47
CA ARG A 67 -6.16 20.29 -17.21
C ARG A 67 -7.02 19.11 -16.71
N PHE A 68 -7.89 19.37 -15.75
CA PHE A 68 -8.67 18.30 -15.10
C PHE A 68 -10.14 18.48 -15.44
N ALA A 69 -10.80 17.38 -15.76
CA ALA A 69 -12.22 17.42 -16.11
C ALA A 69 -12.97 16.27 -15.49
N PHE A 70 -14.04 16.61 -14.77
CA PHE A 70 -15.00 15.65 -14.23
C PHE A 70 -16.18 15.52 -15.19
N SER A 71 -16.56 14.29 -15.51
CA SER A 71 -17.73 14.02 -16.34
C SER A 71 -18.52 12.84 -15.82
N LEU A 72 -19.64 12.54 -16.47
CA LEU A 72 -20.49 11.44 -16.07
C LEU A 72 -20.94 10.62 -17.25
N GLU A 73 -21.17 9.35 -16.99
CA GLU A 73 -22.04 8.53 -17.81
C GLU A 73 -23.00 7.87 -16.84
N THR A 74 -24.09 8.57 -16.53
CA THR A 74 -25.02 8.09 -15.52
C THR A 74 -25.70 6.76 -15.89
N SER A 75 -25.85 6.45 -17.18
CA SER A 75 -26.38 5.14 -17.58
C SER A 75 -25.44 3.98 -17.23
N ALA A 76 -24.17 4.29 -16.97
CA ALA A 76 -23.20 3.33 -16.49
C ALA A 76 -23.01 3.42 -14.97
N ASN A 77 -23.77 4.32 -14.33
CA ASN A 77 -23.56 4.67 -12.92
C ASN A 77 -22.07 4.99 -12.69
N THR A 78 -21.48 5.75 -13.61
CA THR A 78 -20.04 6.02 -13.59
C THR A 78 -19.70 7.52 -13.67
N ALA A 79 -18.73 7.95 -12.86
CA ALA A 79 -18.12 9.26 -12.98
C ALA A 79 -16.69 9.09 -13.54
N TYR A 80 -16.22 10.08 -14.30
CA TYR A 80 -14.87 10.07 -14.88
C TYR A 80 -14.03 11.25 -14.42
N LEU A 81 -12.72 11.03 -14.34
CA LEU A 81 -11.76 12.09 -14.17
C LEU A 81 -10.84 12.02 -15.38
N GLN A 82 -10.72 13.12 -16.09
CA GLN A 82 -9.76 13.19 -17.17
C GLN A 82 -8.63 14.17 -16.84
N ILE A 83 -7.39 13.75 -17.09
CA ILE A 83 -6.24 14.63 -16.94
C ILE A 83 -5.56 14.77 -18.29
N ASN A 84 -5.45 16.01 -18.76
CA ASN A 84 -4.90 16.31 -20.07
C ASN A 84 -3.49 16.84 -19.91
N ASN A 85 -2.70 16.69 -20.98
CA ASN A 85 -1.30 17.15 -21.00
C ASN A 85 -0.52 16.77 -19.72
N LEU A 86 -0.36 15.47 -19.53
CA LEU A 86 0.30 14.94 -18.32
C LEU A 86 1.75 15.36 -18.15
N ASN A 87 2.10 15.73 -16.92
CA ASN A 87 3.47 15.99 -16.52
C ASN A 87 3.79 15.11 -15.30
N ASN A 88 5.07 15.08 -14.91
CA ASN A 88 5.54 14.26 -13.79
C ASN A 88 4.87 14.56 -12.46
N GLY A 89 4.46 15.82 -12.28
CA GLY A 89 3.72 16.23 -11.08
C GLY A 89 2.33 15.63 -10.94
N ASP A 90 1.80 15.05 -12.02
CA ASP A 90 0.48 14.42 -11.98
C ASP A 90 0.55 12.96 -11.50
N MET A 91 1.77 12.44 -11.34
CA MET A 91 1.97 11.09 -10.80
C MET A 91 1.44 10.97 -9.38
N GLY A 92 0.79 9.85 -9.09
CA GLY A 92 0.13 9.63 -7.81
C GLY A 92 -1.05 8.69 -7.99
N THR A 93 -1.86 8.58 -6.93
CA THR A 93 -3.05 7.74 -6.91
C THR A 93 -4.29 8.63 -6.80
N TYR A 94 -5.25 8.39 -7.67
CA TYR A 94 -6.47 9.19 -7.70
C TYR A 94 -7.66 8.39 -7.17
N PHE A 95 -8.39 8.98 -6.23
CA PHE A 95 -9.52 8.34 -5.56
C PHE A 95 -10.80 9.11 -5.86
N CYS A 96 -11.87 8.39 -6.22
CA CYS A 96 -13.22 8.95 -6.14
C CYS A 96 -13.78 8.64 -4.75
N THR A 97 -14.56 9.57 -4.20
CA THR A 97 -15.27 9.34 -2.94
C THR A 97 -16.68 9.89 -3.00
N ARG A 98 -17.61 9.19 -2.35
CA ARG A 98 -18.99 9.63 -2.24
C ARG A 98 -19.18 10.70 -1.16
N SER A 99 -19.91 11.76 -1.50
CA SER A 99 -20.30 12.79 -0.54
C SER A 99 -21.15 12.26 0.57
N HIS A 100 -20.79 12.69 1.77
CA HIS A 100 -21.53 12.50 3.01
C HIS A 100 -21.78 13.93 3.52
N ARG A 101 -22.84 14.13 4.31
CA ARG A 101 -23.18 15.45 4.87
C ARG A 101 -21.97 16.20 5.43
N PHE A 102 -21.13 15.50 6.19
CA PHE A 102 -19.88 16.08 6.75
C PHE A 102 -18.62 15.60 6.03
N GLY A 103 -18.59 14.33 5.67
CA GLY A 103 -17.35 13.69 5.24
C GLY A 103 -17.39 13.10 3.86
N LEU A 104 -16.53 12.11 3.66
CA LEU A 104 -16.44 11.39 2.41
C LEU A 104 -16.46 9.93 2.84
N ASP A 105 -17.57 9.25 2.55
CA ASP A 105 -17.81 7.98 3.19
C ASP A 105 -17.27 6.77 2.42
N TYR A 106 -17.83 6.50 1.24
CA TYR A 106 -17.34 5.38 0.43
C TYR A 106 -16.23 5.82 -0.51
N TRP A 107 -15.16 5.03 -0.58
CA TRP A 107 -14.03 5.36 -1.44
C TRP A 107 -13.77 4.27 -2.48
N GLY A 108 -13.42 4.69 -3.69
CA GLY A 108 -12.87 3.77 -4.67
C GLY A 108 -11.49 3.33 -4.23
N GLN A 109 -10.94 2.31 -4.88
CA GLN A 109 -9.72 1.67 -4.39
C GLN A 109 -8.43 2.42 -4.77
N GLY A 110 -8.58 3.46 -5.60
CA GLY A 110 -7.43 4.21 -6.11
C GLY A 110 -7.05 3.78 -7.50
N THR A 111 -6.62 4.74 -8.31
CA THR A 111 -6.03 4.48 -9.63
C THR A 111 -4.70 5.21 -9.67
N SER A 112 -3.62 4.46 -9.74
CA SER A 112 -2.29 5.08 -9.86
C SER A 112 -2.03 5.51 -11.30
N VAL A 113 -1.33 6.64 -11.42
CA VAL A 113 -0.93 7.17 -12.70
C VAL A 113 0.59 7.34 -12.64
N THR A 114 1.26 6.69 -13.60
CA THR A 114 2.69 6.81 -13.82
C THR A 114 2.90 7.53 -15.15
N VAL A 115 3.78 8.54 -15.12
CA VAL A 115 4.13 9.33 -16.29
C VAL A 115 5.60 8.99 -16.60
N SER A 116 5.86 8.45 -17.79
CA SER A 116 7.19 8.01 -18.18
C SER A 116 7.31 7.85 -19.69
N SER A 117 8.50 8.15 -20.22
CA SER A 117 8.79 7.90 -21.63
C SER A 117 9.42 6.50 -21.84
N ALA A 118 9.64 5.78 -20.75
CA ALA A 118 10.20 4.43 -20.78
C ALA A 118 9.26 3.42 -21.45
N LYS A 119 9.84 2.33 -21.96
CA LYS A 119 9.08 1.24 -22.55
C LYS A 119 8.60 0.30 -21.44
N THR A 120 7.42 -0.28 -21.63
CA THR A 120 6.93 -1.33 -20.75
C THR A 120 7.81 -2.57 -20.91
N THR A 121 8.21 -3.15 -19.78
CA THR A 121 8.88 -4.45 -19.76
C THR A 121 8.14 -5.43 -18.86
N PRO A 122 7.78 -6.62 -19.39
CA PRO A 122 7.13 -7.64 -18.58
C PRO A 122 8.07 -8.21 -17.50
N PRO A 123 7.50 -8.72 -16.39
CA PRO A 123 8.31 -9.37 -15.36
C PRO A 123 8.71 -10.79 -15.75
N SER A 124 9.85 -11.26 -15.21
CA SER A 124 10.16 -12.68 -15.23
C SER A 124 9.82 -13.21 -13.85
N VAL A 125 9.13 -14.35 -13.82
CA VAL A 125 8.62 -14.87 -12.56
C VAL A 125 9.29 -16.21 -12.28
N TYR A 126 9.99 -16.29 -11.15
CA TYR A 126 10.75 -17.49 -10.75
C TYR A 126 10.27 -18.10 -9.44
N PRO A 127 10.13 -19.43 -9.41
CA PRO A 127 9.78 -20.16 -8.18
C PRO A 127 10.91 -20.17 -7.15
N LEU A 128 10.55 -20.01 -5.88
CA LEU A 128 11.50 -20.11 -4.79
C LEU A 128 11.13 -21.32 -3.96
N ALA A 129 11.83 -22.42 -4.26
CA ALA A 129 11.67 -23.69 -3.57
C ALA A 129 12.87 -23.92 -2.64
N PRO A 130 12.63 -24.52 -1.46
CA PRO A 130 13.70 -24.84 -0.50
C PRO A 130 14.79 -25.71 -1.13
N GLY A 131 16.05 -25.45 -0.78
CA GLY A 131 17.17 -26.28 -1.25
C GLY A 131 17.01 -27.75 -0.89
N SER A 132 17.73 -28.61 -1.61
CA SER A 132 17.64 -30.08 -1.44
C SER A 132 18.02 -30.59 -0.04
N ALA A 133 18.90 -29.85 0.64
CA ALA A 133 19.38 -30.25 1.96
C ALA A 133 18.74 -29.50 3.13
N ALA A 134 17.68 -28.74 2.86
CA ALA A 134 17.02 -27.92 3.88
C ALA A 134 16.28 -28.76 4.93
N SER A 139 7.98 -28.37 10.63
CA SER A 139 6.52 -28.50 10.52
C SER A 139 5.88 -27.36 9.71
N MET A 140 6.60 -26.25 9.56
CA MET A 140 6.19 -25.17 8.68
C MET A 140 7.22 -25.06 7.56
N VAL A 141 6.75 -24.74 6.36
CA VAL A 141 7.63 -24.56 5.21
C VAL A 141 7.34 -23.19 4.57
N THR A 142 8.40 -22.50 4.14
CA THR A 142 8.25 -21.23 3.42
C THR A 142 8.67 -21.37 1.97
N LEU A 143 7.84 -20.80 1.09
CA LEU A 143 8.07 -20.84 -0.34
C LEU A 143 7.97 -19.42 -0.85
N GLY A 144 8.33 -19.18 -2.09
CA GLY A 144 8.22 -17.83 -2.61
C GLY A 144 8.21 -17.74 -4.11
N CYS A 145 8.00 -16.53 -4.60
CA CYS A 145 8.12 -16.21 -6.01
C CYS A 145 8.94 -14.95 -6.17
N LEU A 146 9.84 -14.97 -7.15
CA LEU A 146 10.65 -13.82 -7.50
C LEU A 146 10.09 -13.25 -8.79
N VAL A 147 9.79 -11.96 -8.76
CA VAL A 147 9.13 -11.28 -9.89
C VAL A 147 10.10 -10.17 -10.30
N LYS A 148 10.80 -10.40 -11.41
CA LYS A 148 12.03 -9.67 -11.70
C LYS A 148 12.01 -8.87 -13.00
N GLY A 149 12.50 -7.63 -12.94
CA GLY A 149 12.85 -6.87 -14.14
C GLY A 149 11.69 -6.35 -14.97
N TYR A 150 10.75 -5.69 -14.30
CA TYR A 150 9.56 -5.16 -14.97
C TYR A 150 9.50 -3.64 -14.88
N PHE A 151 8.64 -3.08 -15.72
CA PHE A 151 8.31 -1.67 -15.70
C PHE A 151 6.99 -1.47 -16.42
N PRO A 152 6.09 -0.64 -15.85
CA PRO A 152 6.22 0.02 -14.55
C PRO A 152 5.62 -0.80 -13.43
N GLU A 153 5.60 -0.24 -12.23
CA GLU A 153 4.69 -0.68 -11.18
C GLU A 153 3.26 -0.39 -11.65
N PRO A 154 2.26 -1.18 -11.16
CA PRO A 154 2.39 -2.26 -10.21
C PRO A 154 2.37 -3.64 -10.83
N VAL A 155 2.65 -4.63 -10.00
CA VAL A 155 2.24 -6.01 -10.26
C VAL A 155 1.35 -6.43 -9.09
N THR A 156 0.54 -7.45 -9.30
CA THR A 156 -0.29 -8.01 -8.25
C THR A 156 0.12 -9.47 -8.09
N VAL A 157 0.20 -9.93 -6.84
CA VAL A 157 0.60 -11.30 -6.56
C VAL A 157 -0.41 -11.92 -5.61
N THR A 158 -0.89 -13.11 -5.97
CA THR A 158 -1.68 -13.92 -5.06
C THR A 158 -1.09 -15.33 -5.04
N TRP A 159 -1.57 -16.14 -4.11
CA TRP A 159 -1.16 -17.52 -3.97
C TRP A 159 -2.38 -18.42 -3.96
N ASN A 160 -2.34 -19.46 -4.80
CA ASN A 160 -3.48 -20.36 -5.00
C ASN A 160 -4.80 -19.65 -5.31
N SER A 161 -4.74 -18.59 -6.12
CA SER A 161 -5.92 -17.83 -6.59
C SER A 161 -6.74 -17.25 -5.44
N GLY A 162 -6.11 -16.99 -4.31
CA GLY A 162 -6.80 -16.46 -3.13
C GLY A 162 -6.95 -17.44 -1.97
N SER A 163 -6.72 -18.73 -2.21
CA SER A 163 -6.85 -19.75 -1.14
C SER A 163 -5.82 -19.62 -0.02
N LEU A 164 -4.64 -19.07 -0.35
CA LEU A 164 -3.60 -18.81 0.64
C LEU A 164 -3.34 -17.32 0.65
N SER A 165 -3.42 -16.69 1.82
CA SER A 165 -3.23 -15.24 1.93
C SER A 165 -2.76 -14.78 3.30
N SER A 166 -3.19 -15.46 4.36
CA SER A 166 -2.80 -15.08 5.70
C SER A 166 -1.30 -15.39 5.94
N GLY A 167 -0.78 -16.42 5.28
CA GLY A 167 0.62 -16.79 5.44
C GLY A 167 1.57 -16.09 4.48
N VAL A 168 1.06 -15.06 3.80
CA VAL A 168 1.77 -14.42 2.69
C VAL A 168 2.42 -13.10 3.11
N HIS A 169 3.64 -12.89 2.63
CA HIS A 169 4.30 -11.58 2.66
C HIS A 169 4.74 -11.16 1.28
N THR A 170 4.06 -10.19 0.69
CA THR A 170 4.47 -9.62 -0.60
C THR A 170 5.18 -8.29 -0.36
N PHE A 171 6.47 -8.26 -0.71
CA PHE A 171 7.36 -7.15 -0.38
C PHE A 171 7.31 -6.01 -1.41
N PRO A 172 7.44 -4.75 -0.94
CA PRO A 172 7.52 -3.61 -1.86
C PRO A 172 8.61 -3.83 -2.91
N ALA A 173 8.33 -3.43 -4.14
CA ALA A 173 9.28 -3.53 -5.24
C ALA A 173 10.49 -2.62 -5.01
N VAL A 174 11.64 -3.02 -5.56
CA VAL A 174 12.83 -2.16 -5.56
C VAL A 174 13.26 -1.81 -6.99
N LEU A 175 13.61 -0.54 -7.16
CA LEU A 175 14.10 -0.01 -8.43
C LEU A 175 15.62 -0.10 -8.47
N GLN A 176 16.12 -0.80 -9.48
CA GLN A 176 17.54 -0.89 -9.78
C GLN A 176 17.65 -0.90 -11.31
N SER A 177 18.40 0.06 -11.85
CA SER A 177 18.69 0.14 -13.30
C SER A 177 17.45 0.25 -14.17
N ASP A 178 16.51 1.09 -13.73
CA ASP A 178 15.27 1.37 -14.47
C ASP A 178 14.30 0.19 -14.54
N LEU A 179 14.52 -0.82 -13.69
CA LEU A 179 13.65 -2.00 -13.63
C LEU A 179 13.29 -2.35 -12.20
N TYR A 180 12.05 -2.83 -12.01
CA TYR A 180 11.57 -3.20 -10.69
C TYR A 180 11.74 -4.68 -10.40
N THR A 181 11.94 -4.99 -9.13
CA THR A 181 12.00 -6.37 -8.66
C THR A 181 11.26 -6.48 -7.32
N LEU A 182 10.46 -7.52 -7.22
CA LEU A 182 9.66 -7.79 -6.04
C LEU A 182 9.76 -9.28 -5.71
N SER A 183 9.59 -9.62 -4.43
CA SER A 183 9.44 -11.01 -4.01
C SER A 183 8.22 -11.17 -3.12
N SER A 184 7.70 -12.39 -3.07
CA SER A 184 6.57 -12.74 -2.23
C SER A 184 6.84 -14.09 -1.56
N SER A 185 6.66 -14.18 -0.26
CA SER A 185 6.72 -15.47 0.44
C SER A 185 5.36 -15.98 0.90
N VAL A 186 5.25 -17.30 1.07
CA VAL A 186 4.08 -17.93 1.68
C VAL A 186 4.54 -19.05 2.61
N THR A 187 3.98 -19.07 3.81
CA THR A 187 4.33 -20.05 4.83
C THR A 187 3.12 -20.94 5.14
N VAL A 188 3.30 -22.24 4.94
CA VAL A 188 2.24 -23.22 5.11
C VAL A 188 2.78 -24.39 5.93
N PRO A 189 1.87 -25.15 6.56
CA PRO A 189 2.27 -26.41 7.20
C PRO A 189 2.91 -27.35 6.20
N SER A 190 3.82 -28.21 6.66
CA SER A 190 4.47 -29.18 5.78
C SER A 190 3.45 -30.20 5.24
N SER A 191 2.33 -30.31 5.94
CA SER A 191 1.18 -31.07 5.49
C SER A 191 0.46 -30.47 4.26
N THR A 192 0.79 -29.24 3.89
CA THR A 192 0.20 -28.68 2.67
C THR A 192 1.11 -28.65 1.42
N TRP A 193 2.43 -28.57 1.62
CA TRP A 193 3.38 -28.63 0.53
C TRP A 193 4.52 -29.57 0.91
N PRO A 194 4.99 -30.43 -0.04
CA PRO A 194 4.61 -30.54 -1.45
C PRO A 194 3.39 -31.41 -1.81
N SER A 195 2.73 -32.04 -0.84
CA SER A 195 1.59 -32.90 -1.16
C SER A 195 0.45 -32.17 -1.89
N GLU A 196 0.21 -30.91 -1.53
CA GLU A 196 -0.76 -30.06 -2.26
C GLU A 196 -0.03 -29.06 -3.16
N THR A 197 -0.72 -28.66 -4.23
CA THR A 197 -0.20 -27.68 -5.18
C THR A 197 -0.17 -26.28 -4.58
N VAL A 198 0.97 -25.61 -4.70
CA VAL A 198 1.11 -24.20 -4.31
C VAL A 198 1.67 -23.42 -5.50
N THR A 199 0.91 -22.40 -5.89
CA THR A 199 1.16 -21.64 -7.11
C THR A 199 1.08 -20.16 -6.81
N CYS A 200 2.02 -19.39 -7.34
CA CYS A 200 1.87 -17.96 -7.29
C CYS A 200 1.30 -17.39 -8.59
N ASN A 201 0.38 -16.46 -8.44
CA ASN A 201 -0.35 -15.86 -9.55
C ASN A 201 0.13 -14.44 -9.63
N VAL A 202 0.81 -14.12 -10.73
CA VAL A 202 1.41 -12.80 -10.91
C VAL A 202 0.74 -12.07 -12.08
N ALA A 203 0.37 -10.82 -11.88
CA ALA A 203 -0.16 -10.01 -12.98
C ALA A 203 0.55 -8.67 -13.13
N HIS A 204 0.89 -8.32 -14.37
CA HIS A 204 1.47 -7.03 -14.72
C HIS A 204 0.56 -6.33 -15.77
N PRO A 205 -0.40 -5.51 -15.29
CA PRO A 205 -1.37 -4.90 -16.23
C PRO A 205 -0.74 -4.14 -17.39
N ALA A 206 0.35 -3.41 -17.15
CA ALA A 206 1.03 -2.63 -18.20
C ALA A 206 1.51 -3.45 -19.39
N SER A 207 2.01 -4.66 -19.14
CA SER A 207 2.46 -5.53 -20.22
C SER A 207 1.41 -6.57 -20.65
N SER A 208 0.23 -6.47 -20.03
CA SER A 208 -0.87 -7.45 -20.21
C SER A 208 -0.47 -8.90 -19.90
N THR A 209 0.42 -9.07 -18.93
CA THR A 209 0.89 -10.41 -18.59
C THR A 209 0.25 -10.99 -17.31
N LYS A 210 -0.13 -12.27 -17.41
CA LYS A 210 -0.62 -13.06 -16.29
C LYS A 210 0.13 -14.38 -16.28
N VAL A 211 0.81 -14.68 -15.18
CA VAL A 211 1.65 -15.86 -15.09
C VAL A 211 1.33 -16.65 -13.82
N ASP A 212 1.19 -17.96 -13.95
CA ASP A 212 1.05 -18.84 -12.81
C ASP A 212 2.30 -19.69 -12.69
N LYS A 213 2.93 -19.65 -11.52
CA LYS A 213 4.13 -20.46 -11.28
C LYS A 213 3.95 -21.43 -10.13
N LYS A 214 3.85 -22.72 -10.49
CA LYS A 214 3.80 -23.79 -9.49
C LYS A 214 5.15 -23.92 -8.78
N ILE A 215 5.11 -24.01 -7.46
CA ILE A 215 6.32 -24.25 -6.68
C ILE A 215 6.50 -25.75 -6.54
N LEU A 216 7.63 -26.22 -7.05
CA LEU A 216 7.95 -27.63 -7.12
C LEU A 216 9.27 -27.86 -6.43
N ASP A 217 9.40 -29.01 -5.80
CA ASP A 217 10.59 -29.37 -5.03
C ASP A 217 11.79 -29.55 -5.97
N ASP B 1 -6.00 29.21 2.30
CA ASP B 1 -6.81 28.00 2.60
C ASP B 1 -6.77 27.65 4.08
N ASN B 2 -7.67 26.77 4.50
CA ASN B 2 -7.66 26.30 5.89
C ASN B 2 -6.65 25.15 6.02
N VAL B 3 -5.47 25.52 6.51
CA VAL B 3 -4.35 24.58 6.63
C VAL B 3 -4.49 23.77 7.93
N LEU B 4 -4.49 22.45 7.79
CA LEU B 4 -4.60 21.54 8.91
C LEU B 4 -3.21 20.99 9.25
N THR B 5 -2.78 21.25 10.48
CA THR B 5 -1.49 20.81 10.96
C THR B 5 -1.70 19.68 11.96
N GLN B 6 -1.04 18.56 11.73
CA GLN B 6 -1.17 17.42 12.63
C GLN B 6 0.10 17.20 13.45
N SER B 7 -0.06 16.73 14.68
CA SER B 7 1.09 16.32 15.49
C SER B 7 0.78 15.16 16.47
N PRO B 8 1.79 14.31 16.75
CA PRO B 8 3.11 14.35 16.11
C PRO B 8 3.02 13.80 14.68
N PRO B 9 4.10 13.94 13.87
CA PRO B 9 4.10 13.27 12.55
C PRO B 9 3.99 11.74 12.63
N SER B 10 4.44 11.17 13.73
CA SER B 10 4.37 9.74 13.98
C SER B 10 4.51 9.48 15.46
N LEU B 11 4.06 8.32 15.89
CA LEU B 11 4.20 7.92 17.27
C LEU B 11 4.12 6.42 17.40
N ALA B 12 4.72 5.90 18.47
CA ALA B 12 4.68 4.48 18.80
C ALA B 12 3.98 4.30 20.13
N VAL B 13 2.97 3.44 20.12
CA VAL B 13 2.18 3.17 21.30
C VAL B 13 2.18 1.67 21.56
N SER B 14 2.37 1.28 22.83
CA SER B 14 2.21 -0.12 23.23
C SER B 14 0.76 -0.56 23.14
N LEU B 15 0.57 -1.79 22.66
CA LEU B 15 -0.73 -2.48 22.63
C LEU B 15 -1.48 -2.28 23.94
N GLY B 16 -2.73 -1.85 23.83
CA GLY B 16 -3.60 -1.67 24.99
C GLY B 16 -3.58 -0.28 25.59
N GLN B 17 -2.68 0.56 25.09
CA GLN B 17 -2.55 1.92 25.60
C GLN B 17 -3.29 2.91 24.71
N ARG B 18 -3.20 4.18 25.06
CA ARG B 18 -3.94 5.24 24.38
C ARG B 18 -3.07 5.99 23.36
N ALA B 19 -3.56 6.09 22.13
CA ALA B 19 -2.95 6.99 21.15
C ALA B 19 -3.76 8.28 21.09
N THR B 20 -3.07 9.42 21.13
CA THR B 20 -3.73 10.72 21.04
C THR B 20 -3.05 11.50 19.93
N ILE B 21 -3.85 11.88 18.93
CA ILE B 21 -3.38 12.55 17.73
C ILE B 21 -4.08 13.90 17.66
N SER B 22 -3.31 14.96 17.40
CA SER B 22 -3.85 16.31 17.37
C SER B 22 -3.96 16.86 15.95
N CYS B 23 -5.03 17.63 15.70
CA CYS B 23 -5.23 18.34 14.45
C CYS B 23 -5.53 19.79 14.77
N LYS B 24 -4.74 20.72 14.24
CA LYS B 24 -4.96 22.15 14.45
C LYS B 24 -5.22 22.84 13.13
N ALA B 25 -6.33 23.56 13.07
CA ALA B 25 -6.77 24.28 11.88
C ALA B 25 -6.36 25.73 11.94
N SER B 26 -5.98 26.29 10.80
CA SER B 26 -5.61 27.72 10.76
C SER B 26 -6.84 28.64 10.70
N GLN B 27 -7.98 28.09 10.29
CA GLN B 27 -9.27 28.79 10.36
C GLN B 27 -10.28 27.92 11.12
N SER B 28 -11.14 28.55 11.92
CA SER B 28 -12.23 27.83 12.60
C SER B 28 -13.09 27.06 11.60
N VAL B 29 -13.51 25.86 11.99
CA VAL B 29 -14.36 25.02 11.14
C VAL B 29 -15.79 24.93 11.68
N ASP B 30 -16.11 25.79 12.63
CA ASP B 30 -17.43 25.83 13.26
C ASP B 30 -18.43 26.50 12.33
N TYR B 31 -19.56 25.83 12.12
CA TYR B 31 -20.67 26.43 11.38
C TYR B 31 -22.00 25.94 11.92
N ASN B 32 -22.81 26.88 12.41
CA ASN B 32 -24.16 26.58 12.89
C ASN B 32 -24.24 25.47 13.95
N GLY B 33 -23.39 25.54 14.97
CA GLY B 33 -23.37 24.53 16.03
C GLY B 33 -22.50 23.29 15.82
N ASP B 34 -21.95 23.10 14.61
CA ASP B 34 -21.17 21.90 14.31
C ASP B 34 -19.76 22.24 13.84
N SER B 35 -18.80 21.37 14.16
CA SER B 35 -17.44 21.49 13.66
C SER B 35 -17.26 20.59 12.44
N TYR B 36 -16.89 21.18 11.31
CA TYR B 36 -16.83 20.44 10.06
C TYR B 36 -15.44 19.83 9.90
N LEU B 37 -15.19 18.81 10.72
CA LEU B 37 -13.89 18.17 10.79
C LEU B 37 -14.05 16.66 10.93
N ASN B 38 -13.33 15.95 10.06
CA ASN B 38 -13.48 14.50 9.94
C ASN B 38 -12.13 13.81 10.11
N TRP B 39 -12.16 12.55 10.52
CA TRP B 39 -10.95 11.76 10.66
C TRP B 39 -11.05 10.51 9.78
N TYR B 40 -9.94 10.20 9.12
CA TYR B 40 -9.79 8.99 8.30
C TYR B 40 -8.63 8.15 8.80
N GLN B 41 -8.69 6.85 8.50
CA GLN B 41 -7.59 5.91 8.76
C GLN B 41 -7.13 5.38 7.42
N GLN B 42 -5.84 5.44 7.14
CA GLN B 42 -5.32 4.79 5.92
C GLN B 42 -4.19 3.79 6.14
N LYS B 43 -4.37 2.60 5.59
CA LYS B 43 -3.31 1.60 5.55
C LYS B 43 -2.74 1.61 4.14
N PRO B 44 -1.42 1.29 4.00
CA PRO B 44 -0.78 1.38 2.69
C PRO B 44 -1.45 0.43 1.73
N GLY B 45 -1.50 0.81 0.46
CA GLY B 45 -2.22 0.03 -0.55
C GLY B 45 -3.74 0.21 -0.54
N GLN B 46 -4.28 0.88 0.48
CA GLN B 46 -5.74 1.04 0.63
C GLN B 46 -6.22 2.50 0.54
N PRO B 47 -7.53 2.71 0.18
CA PRO B 47 -8.07 4.07 0.35
C PRO B 47 -8.23 4.47 1.81
N PRO B 48 -8.29 5.78 2.10
CA PRO B 48 -8.71 6.21 3.44
C PRO B 48 -10.05 5.59 3.88
N LYS B 49 -10.17 5.34 5.18
CA LYS B 49 -11.38 4.83 5.78
C LYS B 49 -12.01 5.84 6.72
N PHE B 50 -13.28 6.15 6.41
CA PHE B 50 -14.09 7.12 7.17
C PHE B 50 -14.34 6.67 8.62
N LEU B 51 -13.72 7.36 9.58
CA LEU B 51 -13.80 6.99 11.00
C LEU B 51 -14.78 7.86 11.80
N ILE B 52 -14.58 9.17 11.72
CA ILE B 52 -15.29 10.13 12.58
C ILE B 52 -15.67 11.37 11.78
N TYR B 53 -16.88 11.86 11.98
CA TYR B 53 -17.33 13.09 11.32
C TYR B 53 -17.88 14.08 12.33
N ALA B 54 -17.89 15.35 11.93
CA ALA B 54 -18.35 16.43 12.79
C ALA B 54 -17.66 16.41 14.15
N ALA B 55 -16.32 16.26 14.11
CA ALA B 55 -15.45 16.24 15.30
C ALA B 55 -15.53 15.01 16.21
N SER B 56 -16.75 14.57 16.53
CA SER B 56 -16.97 13.60 17.60
C SER B 56 -17.98 12.48 17.28
N ASN B 57 -18.51 12.47 16.06
CA ASN B 57 -19.50 11.44 15.67
C ASN B 57 -18.87 10.27 14.94
N LEU B 58 -19.00 9.09 15.54
CA LEU B 58 -18.43 7.87 15.01
C LEU B 58 -19.25 7.43 13.82
N GLU B 59 -18.57 7.18 12.69
CA GLU B 59 -19.22 6.61 11.52
C GLU B 59 -19.79 5.23 11.88
N SER B 60 -20.96 4.90 11.34
CA SER B 60 -21.59 3.62 11.59
C SER B 60 -20.67 2.45 11.19
N GLY B 61 -20.49 1.49 12.09
CA GLY B 61 -19.68 0.33 11.81
C GLY B 61 -18.25 0.41 12.34
N ILE B 62 -17.86 1.60 12.81
CA ILE B 62 -16.51 1.81 13.33
C ILE B 62 -16.48 1.49 14.83
N PRO B 63 -15.44 0.72 15.26
CA PRO B 63 -15.24 0.43 16.67
C PRO B 63 -15.23 1.68 17.57
N ALA B 64 -15.81 1.56 18.75
CA ALA B 64 -15.90 2.69 19.68
C ALA B 64 -14.57 2.96 20.43
N ARG B 65 -13.53 2.20 20.11
CA ARG B 65 -12.19 2.51 20.63
C ARG B 65 -11.65 3.81 20.02
N PHE B 66 -12.15 4.16 18.85
CA PHE B 66 -11.88 5.46 18.21
C PHE B 66 -12.86 6.51 18.74
N SER B 67 -12.33 7.68 19.12
CA SER B 67 -13.17 8.80 19.56
C SER B 67 -12.50 10.15 19.24
N GLY B 68 -13.30 11.12 18.87
CA GLY B 68 -12.82 12.45 18.52
C GLY B 68 -13.39 13.54 19.41
N SER B 69 -12.64 14.62 19.57
CA SER B 69 -13.09 15.77 20.36
C SER B 69 -12.57 17.08 19.77
N GLY B 70 -13.06 18.20 20.29
CA GLY B 70 -12.63 19.52 19.87
C GLY B 70 -13.72 20.38 19.22
N SER B 71 -13.38 21.65 19.02
CA SER B 71 -14.21 22.57 18.26
C SER B 71 -13.32 23.74 17.91
N GLY B 72 -13.79 24.62 17.03
CA GLY B 72 -13.00 25.74 16.58
C GLY B 72 -11.84 25.30 15.72
N THR B 73 -10.63 25.41 16.27
CA THR B 73 -9.42 25.13 15.52
C THR B 73 -8.65 23.92 16.05
N ASP B 74 -9.07 23.39 17.19
CA ASP B 74 -8.26 22.39 17.92
C ASP B 74 -8.98 21.07 18.16
N PHE B 75 -8.46 20.00 17.56
CA PHE B 75 -9.12 18.69 17.55
C PHE B 75 -8.14 17.57 17.92
N ASN B 76 -8.68 16.48 18.47
CA ASN B 76 -7.90 15.31 18.81
C ASN B 76 -8.64 14.04 18.43
N LEU B 77 -7.89 13.08 17.87
CA LEU B 77 -8.35 11.71 17.75
C LEU B 77 -7.76 10.92 18.90
N ASN B 78 -8.61 10.19 19.61
CA ASN B 78 -8.15 9.25 20.64
C ASN B 78 -8.40 7.79 20.25
N ILE B 79 -7.37 6.96 20.37
CA ILE B 79 -7.53 5.50 20.20
C ILE B 79 -7.10 4.78 21.49
N HIS B 80 -8.06 4.10 22.11
CA HIS B 80 -7.82 3.27 23.29
C HIS B 80 -8.91 2.18 23.40
N PRO B 81 -8.51 0.91 23.54
CA PRO B 81 -7.12 0.41 23.56
C PRO B 81 -6.55 0.25 22.15
N VAL B 82 -5.33 0.74 21.96
CA VAL B 82 -4.60 0.51 20.71
C VAL B 82 -4.46 -0.99 20.44
N GLU B 83 -4.73 -1.36 19.19
CA GLU B 83 -4.69 -2.73 18.74
C GLU B 83 -3.79 -2.93 17.53
N GLU B 84 -3.50 -4.19 17.21
CA GLU B 84 -2.64 -4.53 16.06
C GLU B 84 -3.15 -3.95 14.74
N GLU B 85 -4.46 -4.05 14.51
CA GLU B 85 -5.11 -3.49 13.31
C GLU B 85 -4.99 -1.96 13.18
N ASP B 86 -4.65 -1.28 14.28
CA ASP B 86 -4.61 0.18 14.33
C ASP B 86 -3.36 0.86 13.78
N ALA B 87 -2.34 0.05 13.42
CA ALA B 87 -1.19 0.54 12.67
C ALA B 87 -1.65 1.08 11.31
N ALA B 88 -1.50 2.39 11.12
CA ALA B 88 -2.02 3.09 9.95
C ALA B 88 -1.54 4.53 10.01
N THR B 89 -1.79 5.29 8.95
CA THR B 89 -1.70 6.74 9.02
C THR B 89 -3.11 7.33 9.21
N TYR B 90 -3.22 8.31 10.09
CA TYR B 90 -4.47 8.95 10.42
C TYR B 90 -4.46 10.38 9.92
N TYR B 91 -5.53 10.77 9.21
CA TYR B 91 -5.65 12.11 8.63
C TYR B 91 -6.90 12.81 9.11
N CYS B 92 -6.76 14.06 9.52
CA CYS B 92 -7.92 14.92 9.69
C CYS B 92 -8.27 15.61 8.36
N GLN B 93 -9.49 16.14 8.26
CA GLN B 93 -9.99 16.80 7.04
C GLN B 93 -11.11 17.78 7.41
N GLN B 94 -11.07 19.01 6.88
CA GLN B 94 -12.17 19.97 7.06
C GLN B 94 -13.06 20.08 5.82
N SER B 95 -14.35 20.30 6.05
CA SER B 95 -15.30 20.50 4.94
C SER B 95 -16.09 21.83 5.09
N ASN B 96 -15.57 22.70 5.94
CA ASN B 96 -16.20 23.99 6.17
C ASN B 96 -16.06 24.99 5.01
N GLU B 97 -15.04 24.80 4.17
CA GLU B 97 -14.78 25.75 3.07
C GLU B 97 -14.07 25.10 1.89
N ASP B 98 -14.27 25.70 0.72
CA ASP B 98 -13.58 25.38 -0.52
C ASP B 98 -12.18 26.04 -0.55
N PRO B 99 -11.12 25.26 -0.80
CA PRO B 99 -11.12 23.80 -0.94
C PRO B 99 -11.11 23.05 0.40
N PHE B 100 -11.76 21.89 0.40
CA PHE B 100 -11.53 20.92 1.45
C PHE B 100 -10.03 20.65 1.56
N THR B 101 -9.55 20.52 2.80
CA THR B 101 -8.13 20.28 3.03
C THR B 101 -7.97 19.12 4.00
N PHE B 102 -6.86 18.39 3.86
CA PHE B 102 -6.49 17.32 4.76
C PHE B 102 -5.22 17.73 5.51
N GLY B 103 -5.04 17.23 6.72
CA GLY B 103 -3.73 17.30 7.38
C GLY B 103 -2.74 16.38 6.66
N SER B 104 -1.46 16.45 7.00
CA SER B 104 -0.48 15.57 6.33
C SER B 104 -0.30 14.21 7.02
N GLY B 105 -1.10 13.97 8.05
CA GLY B 105 -1.19 12.63 8.62
C GLY B 105 -0.25 12.37 9.77
N THR B 106 -0.67 11.45 10.64
CA THR B 106 0.13 10.96 11.75
C THR B 106 0.21 9.44 11.62
N LYS B 107 1.43 8.91 11.50
CA LYS B 107 1.61 7.46 11.44
C LYS B 107 1.65 6.82 12.84
N LEU B 108 0.74 5.89 13.09
CA LEU B 108 0.73 5.17 14.36
C LEU B 108 1.46 3.84 14.21
N GLU B 109 2.46 3.64 15.06
CA GLU B 109 3.23 2.41 15.12
C GLU B 109 2.89 1.69 16.40
N ILE B 110 2.88 0.36 16.34
CA ILE B 110 2.49 -0.46 17.47
C ILE B 110 3.74 -1.06 18.12
N LYS B 111 3.82 -0.92 19.44
CA LYS B 111 4.85 -1.58 20.23
C LYS B 111 4.29 -2.87 20.85
N ARG B 112 5.08 -3.93 20.76
CA ARG B 112 4.69 -5.24 21.25
C ARG B 112 5.92 -5.97 21.81
N ALA B 113 5.73 -7.19 22.28
CA ALA B 113 6.82 -8.01 22.81
C ALA B 113 7.71 -8.52 21.69
N ASP B 114 8.97 -8.81 22.01
CA ASP B 114 9.91 -9.40 21.06
C ASP B 114 9.34 -10.60 20.31
N ALA B 115 9.70 -10.68 19.03
CA ALA B 115 9.39 -11.83 18.19
C ALA B 115 10.62 -12.17 17.35
N ALA B 116 11.00 -13.44 17.36
CA ALA B 116 12.18 -13.90 16.62
C ALA B 116 11.84 -14.11 15.14
N PRO B 117 12.74 -13.68 14.23
CA PRO B 117 12.45 -13.88 12.81
C PRO B 117 12.53 -15.36 12.42
N THR B 118 11.76 -15.73 11.40
CA THR B 118 11.93 -17.01 10.73
C THR B 118 12.71 -16.70 9.46
N VAL B 119 13.86 -17.35 9.29
CA VAL B 119 14.81 -17.01 8.24
C VAL B 119 14.90 -18.16 7.21
N SER B 120 14.70 -17.82 5.93
CA SER B 120 14.65 -18.81 4.84
C SER B 120 15.52 -18.36 3.68
N ILE B 121 16.42 -19.23 3.23
CA ILE B 121 17.26 -18.94 2.06
C ILE B 121 16.81 -19.77 0.84
N PHE B 122 16.91 -19.17 -0.34
CA PHE B 122 16.48 -19.80 -1.58
C PHE B 122 17.54 -19.61 -2.66
N PRO B 123 18.05 -20.73 -3.22
CA PRO B 123 18.99 -20.70 -4.34
C PRO B 123 18.33 -20.16 -5.61
N PRO B 124 19.13 -19.68 -6.58
CA PRO B 124 18.61 -19.38 -7.91
C PRO B 124 17.76 -20.54 -8.46
N SER B 125 16.70 -20.23 -9.20
CA SER B 125 15.92 -21.29 -9.84
C SER B 125 16.58 -21.67 -11.18
N SER B 126 16.33 -22.89 -11.63
CA SER B 126 16.83 -23.35 -12.94
C SER B 126 16.44 -22.41 -14.07
N GLU B 127 15.18 -21.95 -14.03
CA GLU B 127 14.64 -21.04 -15.04
C GLU B 127 15.44 -19.75 -15.21
N GLN B 128 15.80 -19.12 -14.09
CA GLN B 128 16.61 -17.91 -14.12
C GLN B 128 18.04 -18.23 -14.56
N LEU B 129 18.57 -19.36 -14.10
CA LEU B 129 19.90 -19.79 -14.54
C LEU B 129 19.98 -19.97 -16.06
N THR B 130 18.96 -20.60 -16.66
CA THR B 130 18.93 -20.74 -18.13
C THR B 130 18.85 -19.39 -18.85
N SER B 131 18.43 -18.35 -18.13
CA SER B 131 18.37 -16.98 -18.68
C SER B 131 19.69 -16.21 -18.54
N GLY B 132 20.62 -16.73 -17.73
CA GLY B 132 21.93 -16.09 -17.54
C GLY B 132 22.12 -15.29 -16.26
N GLY B 133 21.11 -15.29 -15.39
CA GLY B 133 21.19 -14.59 -14.11
C GLY B 133 21.03 -15.51 -12.92
N ALA B 134 21.45 -15.04 -11.76
CA ALA B 134 21.38 -15.83 -10.52
C ALA B 134 21.04 -14.95 -9.33
N SER B 135 19.81 -15.08 -8.84
CA SER B 135 19.39 -14.36 -7.64
C SER B 135 19.27 -15.32 -6.49
N VAL B 136 19.85 -14.94 -5.36
CA VAL B 136 19.70 -15.69 -4.13
C VAL B 136 18.83 -14.86 -3.21
N VAL B 137 17.78 -15.50 -2.69
CA VAL B 137 16.76 -14.78 -1.93
C VAL B 137 16.74 -15.26 -0.50
N CYS B 138 16.69 -14.31 0.43
CA CYS B 138 16.54 -14.61 1.83
C CYS B 138 15.34 -13.85 2.43
N PHE B 139 14.39 -14.60 3.03
CA PHE B 139 13.28 -14.03 3.79
C PHE B 139 13.54 -14.08 5.28
N LEU B 140 13.23 -12.98 5.96
CA LEU B 140 13.37 -12.89 7.40
C LEU B 140 12.02 -12.36 7.92
N ASN B 141 11.18 -13.28 8.41
CA ASN B 141 9.74 -13.02 8.56
C ASN B 141 9.24 -12.95 10.00
N ASN B 142 8.27 -12.04 10.20
CA ASN B 142 7.55 -11.88 11.45
C ASN B 142 8.44 -11.69 12.68
N PHE B 143 9.30 -10.69 12.64
CA PHE B 143 10.12 -10.33 13.81
C PHE B 143 9.73 -9.02 14.50
N TYR B 144 10.12 -8.90 15.77
CA TYR B 144 9.96 -7.65 16.51
C TYR B 144 11.02 -7.56 17.61
N PRO B 145 11.66 -6.39 17.77
CA PRO B 145 11.44 -5.13 17.07
C PRO B 145 12.01 -5.09 15.66
N LYS B 146 11.80 -3.95 14.98
CA LYS B 146 12.17 -3.78 13.58
C LYS B 146 13.69 -3.84 13.35
N ASP B 147 14.44 -3.68 14.44
CA ASP B 147 15.89 -3.63 14.38
C ASP B 147 16.50 -4.98 14.00
N ILE B 148 17.10 -5.03 12.81
CA ILE B 148 17.74 -6.24 12.25
C ILE B 148 18.92 -5.86 11.35
N ASN B 149 19.89 -6.75 11.23
CA ASN B 149 21.03 -6.53 10.33
C ASN B 149 21.33 -7.80 9.54
N VAL B 150 21.43 -7.69 8.23
CA VAL B 150 21.62 -8.86 7.36
C VAL B 150 22.95 -8.77 6.62
N LYS B 151 23.69 -9.88 6.63
CA LYS B 151 24.97 -10.03 5.89
C LYS B 151 24.89 -11.20 4.94
N TRP B 152 25.38 -10.98 3.72
CA TRP B 152 25.57 -12.06 2.76
C TRP B 152 27.02 -12.53 2.76
N LYS B 153 27.21 -13.84 2.74
CA LYS B 153 28.53 -14.44 2.66
C LYS B 153 28.60 -15.37 1.46
N ILE B 154 29.68 -15.22 0.70
CA ILE B 154 29.97 -16.09 -0.43
C ILE B 154 31.31 -16.76 -0.14
N ASP B 155 31.29 -18.09 -0.02
CA ASP B 155 32.46 -18.90 0.37
C ASP B 155 33.15 -18.36 1.64
N GLY B 156 32.34 -17.94 2.62
CA GLY B 156 32.84 -17.39 3.88
C GLY B 156 33.24 -15.92 3.89
N SER B 157 33.22 -15.27 2.73
CA SER B 157 33.57 -13.84 2.69
C SER B 157 32.38 -12.93 2.36
N GLU B 158 32.27 -11.84 3.12
CA GLU B 158 31.13 -10.94 3.08
C GLU B 158 31.00 -10.22 1.75
N ARG B 159 29.82 -10.31 1.16
CA ARG B 159 29.51 -9.67 -0.11
C ARG B 159 28.55 -8.49 0.10
N GLN B 160 28.94 -7.31 -0.35
CA GLN B 160 28.08 -6.14 -0.19
C GLN B 160 27.36 -5.70 -1.46
N ASN B 161 28.03 -5.87 -2.59
CA ASN B 161 27.48 -5.39 -3.87
C ASN B 161 26.44 -6.31 -4.49
N GLY B 162 25.43 -5.73 -5.13
CA GLY B 162 24.37 -6.51 -5.76
C GLY B 162 23.35 -7.06 -4.77
N VAL B 163 23.24 -6.41 -3.62
CA VAL B 163 22.24 -6.78 -2.62
C VAL B 163 21.16 -5.71 -2.57
N LEU B 164 19.91 -6.13 -2.69
CA LEU B 164 18.78 -5.22 -2.51
C LEU B 164 17.82 -5.74 -1.44
N ASN B 165 17.49 -4.85 -0.51
CA ASN B 165 16.63 -5.16 0.63
C ASN B 165 15.28 -4.46 0.54
N SER B 166 14.24 -5.16 1.01
CA SER B 166 12.89 -4.61 1.05
C SER B 166 12.22 -4.99 2.37
N TRP B 167 11.32 -4.13 2.84
CA TRP B 167 10.65 -4.30 4.13
C TRP B 167 9.13 -4.13 3.98
N THR B 168 8.36 -4.98 4.66
CA THR B 168 6.92 -4.80 4.73
C THR B 168 6.51 -3.78 5.80
N ASP B 169 5.33 -3.21 5.61
CA ASP B 169 4.68 -2.42 6.64
C ASP B 169 4.32 -3.34 7.80
N GLN B 170 4.30 -2.77 9.00
CA GLN B 170 3.94 -3.51 10.21
C GLN B 170 2.64 -4.29 10.01
N ASP B 171 2.69 -5.57 10.40
CA ASP B 171 1.61 -6.51 10.15
C ASP B 171 0.35 -6.19 10.96
N SER B 172 -0.80 -6.23 10.29
CA SER B 172 -2.08 -5.84 10.90
C SER B 172 -2.59 -6.83 11.95
N LYS B 173 -2.00 -8.02 12.01
CA LYS B 173 -2.46 -9.04 12.96
C LYS B 173 -1.55 -9.40 14.14
N ASP B 174 -0.24 -9.44 13.91
CA ASP B 174 0.71 -9.76 14.99
C ASP B 174 1.68 -8.61 15.29
N SER B 175 1.56 -7.51 14.53
CA SER B 175 2.37 -6.28 14.70
C SER B 175 3.89 -6.50 14.49
N THR B 176 4.24 -7.55 13.78
CA THR B 176 5.63 -7.82 13.45
C THR B 176 5.99 -7.19 12.10
N TYR B 177 7.29 -7.22 11.80
CA TYR B 177 7.84 -6.75 10.55
C TYR B 177 8.47 -7.91 9.80
N SER B 178 8.56 -7.77 8.48
CA SER B 178 9.25 -8.76 7.65
C SER B 178 10.24 -8.10 6.70
N MET B 179 11.27 -8.85 6.32
CA MET B 179 12.30 -8.34 5.44
C MET B 179 12.68 -9.37 4.38
N SER B 180 13.02 -8.86 3.20
CA SER B 180 13.49 -9.69 2.10
C SER B 180 14.84 -9.14 1.65
N SER B 181 15.80 -10.03 1.43
CA SER B 181 17.14 -9.63 1.00
C SER B 181 17.52 -10.45 -0.24
N THR B 182 17.83 -9.77 -1.33
CA THR B 182 18.08 -10.46 -2.59
C THR B 182 19.47 -10.10 -3.11
N LEU B 183 20.28 -11.13 -3.30
CA LEU B 183 21.62 -10.99 -3.84
C LEU B 183 21.60 -11.45 -5.29
N THR B 184 21.91 -10.53 -6.20
CA THR B 184 21.89 -10.84 -7.62
C THR B 184 23.31 -10.88 -8.19
N LEU B 185 23.62 -11.98 -8.87
CA LEU B 185 24.89 -12.19 -9.57
C LEU B 185 24.61 -12.58 -11.01
N THR B 186 25.61 -12.48 -11.87
CA THR B 186 25.59 -13.18 -13.17
C THR B 186 25.74 -14.68 -12.89
N LYS B 187 25.21 -15.52 -13.78
CA LYS B 187 25.37 -16.97 -13.69
C LYS B 187 26.85 -17.39 -13.57
N ASP B 188 27.70 -16.78 -14.39
CA ASP B 188 29.14 -17.04 -14.37
C ASP B 188 29.76 -16.80 -13.00
N GLU B 189 29.49 -15.63 -12.43
CA GLU B 189 29.95 -15.28 -11.08
C GLU B 189 29.40 -16.25 -10.04
N TYR B 190 28.12 -16.63 -10.20
CA TYR B 190 27.44 -17.55 -9.29
C TYR B 190 28.09 -18.94 -9.27
N GLU B 191 28.45 -19.45 -10.45
CA GLU B 191 29.03 -20.81 -10.57
C GLU B 191 30.50 -20.90 -10.15
N ARG B 192 31.13 -19.75 -9.86
CA ARG B 192 32.53 -19.70 -9.42
C ARG B 192 32.68 -19.88 -7.90
N HIS B 193 31.55 -20.08 -7.23
CA HIS B 193 31.52 -20.22 -5.79
C HIS B 193 30.49 -21.27 -5.41
N ASN B 194 30.62 -21.81 -4.20
CA ASN B 194 29.81 -22.96 -3.80
C ASN B 194 28.90 -22.74 -2.60
N SER B 195 29.34 -21.98 -1.60
CA SER B 195 28.52 -21.79 -0.41
C SER B 195 27.99 -20.36 -0.31
N TYR B 196 26.69 -20.27 -0.05
CA TYR B 196 26.00 -19.00 0.03
C TYR B 196 25.26 -18.92 1.35
N THR B 197 25.52 -17.84 2.09
CA THR B 197 24.97 -17.66 3.43
C THR B 197 24.22 -16.34 3.58
N CYS B 198 23.02 -16.44 4.14
CA CYS B 198 22.29 -15.29 4.63
C CYS B 198 22.45 -15.32 6.15
N GLU B 199 23.10 -14.29 6.70
CA GLU B 199 23.38 -14.23 8.13
C GLU B 199 22.75 -12.99 8.78
N ALA B 200 21.93 -13.21 9.79
CA ALA B 200 21.21 -12.12 10.46
C ALA B 200 21.46 -12.03 11.94
N THR B 201 21.58 -10.80 12.43
CA THR B 201 21.48 -10.57 13.86
C THR B 201 20.12 -9.92 14.16
N HIS B 202 19.43 -10.48 15.14
CA HIS B 202 18.25 -9.90 15.77
C HIS B 202 18.39 -10.11 17.27
N LYS B 203 17.84 -9.20 18.08
CA LYS B 203 18.09 -9.19 19.52
C LYS B 203 17.60 -10.43 20.27
N THR B 204 16.70 -11.19 19.61
CA THR B 204 16.09 -12.38 20.17
C THR B 204 17.01 -13.60 20.16
N SER B 205 18.18 -13.46 19.55
CA SER B 205 19.17 -14.53 19.46
C SER B 205 20.55 -14.06 19.95
N THR B 206 21.24 -14.92 20.71
CA THR B 206 22.55 -14.56 21.29
C THR B 206 23.67 -14.64 20.24
N SER B 207 23.44 -15.44 19.21
CA SER B 207 24.37 -15.59 18.11
C SER B 207 23.67 -15.16 16.82
N PRO B 208 24.44 -14.90 15.74
CA PRO B 208 23.80 -14.70 14.46
C PRO B 208 22.99 -15.90 13.99
N ILE B 209 21.97 -15.61 13.19
CA ILE B 209 21.10 -16.60 12.58
C ILE B 209 21.64 -16.83 11.18
N VAL B 210 22.05 -18.06 10.93
CA VAL B 210 22.78 -18.43 9.73
C VAL B 210 21.88 -19.36 8.92
N LYS B 211 21.71 -19.05 7.63
CA LYS B 211 21.06 -19.95 6.68
C LYS B 211 21.94 -20.02 5.46
N SER B 212 22.32 -21.22 5.06
CA SER B 212 23.18 -21.37 3.88
C SER B 212 22.77 -22.51 3.00
N PHE B 213 23.23 -22.49 1.76
CA PHE B 213 23.20 -23.68 0.92
C PHE B 213 24.53 -23.81 0.17
N ASN B 214 24.78 -25.00 -0.35
CA ASN B 214 25.89 -25.24 -1.26
C ASN B 214 25.33 -25.45 -2.67
N ARG B 215 25.95 -24.79 -3.65
CA ARG B 215 25.53 -24.92 -5.05
C ARG B 215 25.59 -26.38 -5.54
N ASN B 216 26.38 -27.20 -4.83
CA ASN B 216 26.51 -28.64 -5.07
C ASN B 216 25.17 -29.41 -5.14
CA GLY C 1 -29.17 11.62 -0.63
C GLY C 1 -28.34 12.83 -0.22
N VAL C 2 -27.09 12.88 -0.67
CA VAL C 2 -26.18 14.00 -0.41
C VAL C 2 -25.41 14.33 -1.68
N GLN C 3 -25.68 15.48 -2.27
CA GLN C 3 -24.88 15.91 -3.41
C GLN C 3 -23.56 16.54 -2.96
N GLY C 4 -23.61 17.77 -2.49
CA GLY C 4 -22.42 18.47 -2.03
C GLY C 4 -22.11 18.11 -0.59
N SER C 5 -20.85 17.74 -0.33
CA SER C 5 -20.42 17.46 1.03
C SER C 5 -20.15 18.77 1.77
N GLY C 6 -20.37 18.75 3.08
CA GLY C 6 -20.05 19.87 3.96
C GLY C 6 -20.60 21.19 3.47
N ALA C 7 -19.70 22.18 3.31
CA ALA C 7 -20.08 23.51 2.84
C ALA C 7 -20.92 23.53 1.56
N PHE C 8 -20.69 22.57 0.66
CA PHE C 8 -21.40 22.50 -0.61
C PHE C 8 -22.84 22.00 -0.51
N GLY C 9 -23.19 21.37 0.61
CA GLY C 9 -24.54 20.88 0.86
C GLY C 9 -25.38 21.88 1.62
N ARG C 10 -24.86 23.10 1.77
CA ARG C 10 -25.55 24.19 2.47
C ARG C 10 -26.57 24.85 1.56
N GLY C 11 -26.10 25.46 0.45
#